data_3P77
#
_entry.id   3P77
#
_cell.length_a   52.870
_cell.length_b   55.040
_cell.length_c   63.590
_cell.angle_alpha   90.00
_cell.angle_beta   97.04
_cell.angle_gamma   90.00
#
_symmetry.space_group_name_H-M   'P 1 21 1'
#
loop_
_entity.id
_entity.type
_entity.pdbx_description
1 polymer 'MHC Rfp-Y class I alpha chain'
2 polymer Beta-2-microglobulin
3 non-polymer 'ACETATE ION'
4 non-polymer 'TRIETHYLENE GLYCOL'
5 non-polymer 'NONAETHYLENE GLYCOL'
6 water water
#
loop_
_entity_poly.entity_id
_entity_poly.type
_entity_poly.pdbx_seq_one_letter_code
_entity_poly.pdbx_strand_id
1 'polypeptide(L)'
;EFGSHSLRYFLTGMTDPGPGMPRFVIVGYVDDKIFGTYNSKSRTAQPIVEMLPQEDQEHWDTQTQKAQGGERDFDWNLNR
LPERYNKSKGSHTMQMMFGCDILEDGSIRGYDQYAFDGRDFLAFDMDTMTFTAADPVAEITKRRWETEGTYAERWKHELG
TVCVQNLRRYLEHGKAALKRRVQPEVRVWGKEADGILTLSCHAHGFYPRPITISWMKDGMVRDQETRWGGIVPNSDGTYH
ASAAIDVLPEDGDKYWCRVEHASLPQPGLFSWEPQ
;
A
2 'polypeptide(L)'
;ADLTPKVQVYSRFPASAGTKNVLNCFAAGFHPPKISITLMKDGVPMEGAQYSDMSFNDDWTFQRLVHADFTPSSGSTYAC
KVEHETLKEPQVYKWDPEF
;
B
#
loop_
_chem_comp.id
_chem_comp.type
_chem_comp.name
_chem_comp.formula
2PE non-polymer 'NONAETHYLENE GLYCOL' 'C18 H38 O10'
ACT non-polymer 'ACETATE ION' 'C2 H3 O2 -1'
PGE non-polymer 'TRIETHYLENE GLYCOL' 'C6 H14 O4'
#
# COMPACT_ATOMS: atom_id res chain seq x y z
N PHE A 2 20.24 -12.48 1.97
CA PHE A 2 19.99 -12.55 3.43
C PHE A 2 18.49 -12.61 3.69
N GLY A 3 18.04 -13.67 4.37
CA GLY A 3 16.62 -13.89 4.64
C GLY A 3 16.09 -13.23 5.90
N SER A 4 14.87 -12.73 5.80
CA SER A 4 14.24 -12.11 6.95
C SER A 4 12.76 -12.04 6.69
N HIS A 5 12.01 -11.83 7.77
CA HIS A 5 10.57 -11.63 7.69
C HIS A 5 10.19 -10.50 8.60
N SER A 6 9.08 -9.84 8.26
CA SER A 6 8.63 -8.66 9.01
CA SER A 6 8.63 -8.66 8.99
C SER A 6 7.15 -8.75 9.33
N LEU A 7 6.77 -8.21 10.48
CA LEU A 7 5.37 -8.07 10.86
C LEU A 7 5.21 -6.58 11.14
N ARG A 8 4.26 -5.93 10.47
CA ARG A 8 4.03 -4.47 10.70
C ARG A 8 2.55 -4.18 10.87
N TYR A 9 2.22 -3.33 11.84
CA TYR A 9 0.85 -2.87 12.05
C TYR A 9 0.78 -1.41 11.71
N PHE A 10 -0.22 -1.03 10.94
CA PHE A 10 -0.44 0.35 10.51
C PHE A 10 -1.77 0.80 11.09
N LEU A 11 -1.69 1.68 12.09
CA LEU A 11 -2.87 2.10 12.84
C LEU A 11 -3.16 3.55 12.47
N THR A 12 -4.40 3.84 12.11
CA THR A 12 -4.85 5.20 11.82
C THR A 12 -6.14 5.53 12.59
N GLY A 13 -6.13 6.65 13.34
CA GLY A 13 -7.34 7.25 13.92
C GLY A 13 -7.56 8.60 13.25
N MET A 14 -8.83 8.90 12.95
CA MET A 14 -9.22 10.04 12.14
C MET A 14 -10.41 10.71 12.77
N THR A 15 -10.38 12.04 12.88
CA THR A 15 -11.57 12.78 13.30
C THR A 15 -12.56 12.92 12.13
N ASP A 16 -12.07 12.79 10.89
CA ASP A 16 -12.86 13.06 9.70
C ASP A 16 -12.53 12.02 8.61
N PRO A 17 -12.93 10.77 8.83
CA PRO A 17 -12.55 9.73 7.86
C PRO A 17 -13.31 9.79 6.53
N GLY A 18 -14.45 10.46 6.51
CA GLY A 18 -15.31 10.52 5.33
C GLY A 18 -16.61 9.78 5.59
N PRO A 19 -17.63 10.06 4.76
CA PRO A 19 -18.96 9.51 5.02
C PRO A 19 -18.94 7.99 5.06
N GLY A 20 -19.53 7.42 6.11
CA GLY A 20 -19.61 5.98 6.26
C GLY A 20 -18.30 5.22 6.52
N MET A 21 -17.20 5.96 6.68
CA MET A 21 -15.89 5.34 6.87
C MET A 21 -15.55 5.22 8.35
N PRO A 22 -14.83 4.15 8.72
CA PRO A 22 -14.48 4.03 10.12
C PRO A 22 -13.47 5.07 10.57
N ARG A 23 -13.61 5.54 11.80
CA ARG A 23 -12.68 6.50 12.39
C ARG A 23 -11.33 5.90 12.82
N PHE A 24 -11.29 4.58 12.96
CA PHE A 24 -10.07 3.89 13.37
C PHE A 24 -9.91 2.58 12.64
N VAL A 25 -8.70 2.38 12.15
CA VAL A 25 -8.36 1.26 11.26
C VAL A 25 -6.99 0.72 11.61
N ILE A 26 -6.86 -0.60 11.60
CA ILE A 26 -5.56 -1.24 11.67
C ILE A 26 -5.40 -2.19 10.52
N VAL A 27 -4.28 -2.09 9.78
CA VAL A 27 -3.98 -3.05 8.72
C VAL A 27 -2.67 -3.68 9.12
N GLY A 28 -2.61 -5.00 9.10
CA GLY A 28 -1.41 -5.75 9.48
C GLY A 28 -0.83 -6.46 8.30
N TYR A 29 0.50 -6.38 8.16
CA TYR A 29 1.24 -6.98 7.05
CA TYR A 29 1.23 -6.97 7.06
C TYR A 29 2.28 -7.96 7.57
N VAL A 30 2.39 -9.10 6.89
CA VAL A 30 3.56 -10.00 7.06
C VAL A 30 4.29 -9.94 5.74
N ASP A 31 5.56 -9.53 5.76
CA ASP A 31 6.31 -9.33 4.51
C ASP A 31 5.49 -8.38 3.63
N ASP A 32 5.17 -8.72 2.39
CA ASP A 32 4.43 -7.70 1.57
C ASP A 32 2.96 -8.10 1.43
N LYS A 33 2.41 -8.68 2.49
CA LYS A 33 1.08 -9.26 2.42
CA LYS A 33 1.07 -9.24 2.41
C LYS A 33 0.23 -8.83 3.59
N ILE A 34 -0.95 -8.31 3.30
CA ILE A 34 -1.92 -8.02 4.37
C ILE A 34 -2.37 -9.35 4.93
N PHE A 35 -2.27 -9.51 6.25
CA PHE A 35 -2.66 -10.77 6.92
C PHE A 35 -3.93 -10.59 7.73
N GLY A 36 -4.29 -9.36 8.02
CA GLY A 36 -5.45 -9.11 8.81
C GLY A 36 -5.73 -7.63 8.97
N THR A 37 -6.94 -7.35 9.45
CA THR A 37 -7.41 -5.98 9.65
C THR A 37 -8.33 -5.86 10.85
N TYR A 38 -8.50 -4.62 11.29
CA TYR A 38 -9.51 -4.23 12.28
C TYR A 38 -10.06 -2.89 11.83
N ASN A 39 -11.35 -2.62 12.06
CA ASN A 39 -11.83 -1.27 12.01
C ASN A 39 -12.93 -1.03 13.04
N SER A 40 -13.18 0.25 13.29
CA SER A 40 -14.11 0.70 14.32
C SER A 40 -15.60 0.56 13.98
N LYS A 41 -15.91 0.26 12.73
CA LYS A 41 -17.28 -0.04 12.33
C LYS A 41 -17.61 -1.50 12.67
N SER A 42 -16.80 -2.44 12.20
CA SER A 42 -17.06 -3.85 12.53
C SER A 42 -16.73 -4.17 13.97
N ARG A 43 -15.76 -3.43 14.52
CA ARG A 43 -15.22 -3.69 15.87
C ARG A 43 -14.68 -5.12 16.00
N THR A 44 -14.21 -5.68 14.89
CA THR A 44 -13.68 -7.05 14.83
CA THR A 44 -13.64 -7.03 14.88
C THR A 44 -12.33 -7.08 14.10
N ALA A 45 -11.37 -7.80 14.66
CA ALA A 45 -10.15 -8.14 13.99
C ALA A 45 -10.33 -9.47 13.28
N GLN A 46 -9.99 -9.49 12.01
CA GLN A 46 -10.11 -10.75 11.28
C GLN A 46 -8.97 -10.97 10.29
N PRO A 47 -8.64 -12.23 10.04
CA PRO A 47 -7.58 -12.53 9.08
C PRO A 47 -8.05 -12.38 7.64
N ILE A 48 -7.09 -12.19 6.75
CA ILE A 48 -7.28 -12.34 5.34
C ILE A 48 -7.16 -13.83 5.05
N VAL A 49 -8.29 -14.46 4.69
CA VAL A 49 -8.33 -15.92 4.62
C VAL A 49 -7.48 -16.47 3.49
N GLU A 50 -7.26 -15.67 2.45
CA GLU A 50 -6.40 -16.11 1.36
C GLU A 50 -4.93 -16.25 1.81
N MET A 51 -4.58 -15.62 2.94
CA MET A 51 -3.24 -15.82 3.50
C MET A 51 -3.25 -16.79 4.67
N LEU A 52 -4.24 -16.62 5.57
CA LEU A 52 -4.34 -17.38 6.82
C LEU A 52 -5.67 -18.12 6.76
N PRO A 53 -5.68 -19.29 6.09
CA PRO A 53 -6.95 -19.93 5.80
C PRO A 53 -7.55 -20.78 6.90
N GLN A 54 -6.79 -21.08 7.96
CA GLN A 54 -7.22 -22.03 9.00
C GLN A 54 -6.95 -21.49 10.40
N GLU A 55 -7.32 -20.23 10.63
CA GLU A 55 -7.14 -19.61 11.93
C GLU A 55 -8.17 -20.09 12.95
N ASP A 56 -7.72 -20.20 14.19
CA ASP A 56 -8.56 -20.42 15.35
C ASP A 56 -9.16 -19.10 15.83
N GLN A 57 -10.37 -19.18 16.35
CA GLN A 57 -11.06 -17.98 16.80
C GLN A 57 -10.40 -17.38 18.03
N GLU A 58 -9.86 -18.23 18.90
CA GLU A 58 -9.22 -17.74 20.11
C GLU A 58 -8.20 -16.64 19.83
N HIS A 59 -7.30 -16.91 18.88
CA HIS A 59 -6.27 -15.91 18.54
C HIS A 59 -6.87 -14.60 18.13
N TRP A 60 -7.90 -14.66 17.30
CA TRP A 60 -8.52 -13.46 16.77
C TRP A 60 -9.44 -12.78 17.78
N ASP A 61 -9.92 -13.51 18.79
CA ASP A 61 -10.57 -12.85 19.90
C ASP A 61 -9.56 -11.95 20.61
N THR A 62 -8.36 -12.48 20.85
CA THR A 62 -7.31 -11.69 21.50
C THR A 62 -6.96 -10.47 20.67
N GLN A 63 -6.78 -10.66 19.36
CA GLN A 63 -6.42 -9.52 18.50
C GLN A 63 -7.51 -8.47 18.54
N THR A 64 -8.76 -8.91 18.54
CA THR A 64 -9.89 -7.98 18.57
C THR A 64 -9.85 -7.14 19.82
N GLN A 65 -9.67 -7.78 20.97
CA GLN A 65 -9.66 -7.00 22.20
C GLN A 65 -8.49 -6.04 22.27
N LYS A 66 -7.31 -6.45 21.77
CA LYS A 66 -6.15 -5.57 21.74
C LYS A 66 -6.42 -4.36 20.84
N ALA A 67 -7.00 -4.63 19.67
CA ALA A 67 -7.33 -3.57 18.74
C ALA A 67 -8.35 -2.59 19.30
N GLN A 68 -9.35 -3.09 20.03
CA GLN A 68 -10.34 -2.22 20.67
C GLN A 68 -9.69 -1.32 21.69
N GLY A 69 -8.68 -1.82 22.40
CA GLY A 69 -7.89 -0.98 23.29
C GLY A 69 -7.14 0.11 22.58
N GLY A 70 -6.56 -0.23 21.44
CA GLY A 70 -5.86 0.77 20.64
C GLY A 70 -6.80 1.84 20.16
N GLU A 71 -8.00 1.43 19.78
CA GLU A 71 -9.01 2.38 19.33
C GLU A 71 -9.28 3.43 20.41
N ARG A 72 -9.42 2.97 21.64
CA ARG A 72 -9.64 3.88 22.76
C ARG A 72 -8.48 4.82 22.99
N ASP A 73 -7.27 4.28 22.95
CA ASP A 73 -6.06 5.10 23.09
C ASP A 73 -5.96 6.17 22.04
N PHE A 74 -6.25 5.83 20.78
CA PHE A 74 -6.23 6.82 19.72
C PHE A 74 -7.31 7.91 19.84
N ASP A 75 -8.47 7.54 20.37
CA ASP A 75 -9.57 8.47 20.57
C ASP A 75 -9.12 9.56 21.52
N TRP A 76 -8.42 9.16 22.56
CA TRP A 76 -7.87 10.14 23.48
C TRP A 76 -6.78 11.00 22.89
N ASN A 77 -5.94 10.44 22.03
CA ASN A 77 -4.88 11.22 21.38
C ASN A 77 -5.45 12.34 20.55
N LEU A 78 -6.48 12.03 19.76
CA LEU A 78 -7.07 13.03 18.88
C LEU A 78 -7.78 14.15 19.61
N ASN A 79 -8.24 13.85 20.83
CA ASN A 79 -8.78 14.87 21.70
C ASN A 79 -7.71 15.77 22.26
N ARG A 80 -6.61 15.18 22.71
CA ARG A 80 -5.66 15.91 23.57
C ARG A 80 -4.55 16.61 22.82
N LEU A 81 -4.05 15.99 21.76
CA LEU A 81 -2.87 16.54 21.06
C LEU A 81 -3.10 17.82 20.28
N PRO A 82 -4.27 17.97 19.65
CA PRO A 82 -4.45 19.21 18.92
C PRO A 82 -4.28 20.45 19.81
N GLU A 83 -4.81 20.39 21.03
CA GLU A 83 -4.70 21.48 21.98
C GLU A 83 -3.24 21.80 22.34
N ARG A 84 -2.44 20.75 22.53
CA ARG A 84 -1.04 20.94 22.92
C ARG A 84 -0.21 21.61 21.83
N TYR A 85 -0.57 21.34 20.58
CA TYR A 85 0.06 21.96 19.44
C TYR A 85 -0.59 23.26 19.01
N ASN A 86 -1.58 23.71 19.79
CA ASN A 86 -2.36 24.90 19.47
C ASN A 86 -2.81 24.84 18.02
N LYS A 87 -3.52 23.77 17.70
CA LYS A 87 -3.94 23.48 16.34
C LYS A 87 -5.40 22.99 16.33
N GLY A 90 -9.71 22.34 12.51
CA GLY A 90 -9.83 21.37 11.43
C GLY A 90 -9.73 19.91 11.86
N SER A 91 -9.51 19.03 10.89
CA SER A 91 -9.45 17.60 11.11
C SER A 91 -8.06 17.19 11.57
N HIS A 92 -7.99 16.03 12.24
CA HIS A 92 -6.75 15.52 12.78
C HIS A 92 -6.64 14.02 12.61
N THR A 93 -5.40 13.55 12.66
CA THR A 93 -5.11 12.14 12.57
C THR A 93 -4.07 11.74 13.60
N MET A 94 -4.15 10.48 14.01
CA MET A 94 -3.10 9.84 14.76
C MET A 94 -2.72 8.58 14.03
N GLN A 95 -1.43 8.32 13.94
CA GLN A 95 -0.92 7.11 13.30
C GLN A 95 0.15 6.48 14.13
N MET A 96 0.21 5.16 14.05
CA MET A 96 1.27 4.39 14.63
CA MET A 96 1.33 4.42 14.60
C MET A 96 1.71 3.34 13.61
N MET A 97 3.02 3.13 13.46
CA MET A 97 3.56 1.98 12.75
CA MET A 97 3.49 1.93 12.80
C MET A 97 4.42 1.20 13.75
N PHE A 98 4.10 -0.05 14.01
CA PHE A 98 4.97 -0.85 14.89
C PHE A 98 5.07 -2.27 14.43
N GLY A 99 6.10 -2.96 14.93
CA GLY A 99 6.23 -4.36 14.62
C GLY A 99 7.62 -4.87 14.85
N CYS A 100 7.95 -5.92 14.14
CA CYS A 100 9.23 -6.61 14.38
C CYS A 100 9.71 -7.32 13.13
N ASP A 101 11.01 -7.59 13.11
CA ASP A 101 11.60 -8.49 12.12
C ASP A 101 12.23 -9.69 12.80
N ILE A 102 12.20 -10.83 12.13
CA ILE A 102 13.09 -11.95 12.49
C ILE A 102 14.05 -12.18 11.32
N LEU A 103 15.33 -12.37 11.60
CA LEU A 103 16.37 -12.51 10.57
C LEU A 103 16.95 -13.92 10.55
N GLU A 104 17.49 -14.34 9.40
CA GLU A 104 18.09 -15.67 9.27
C GLU A 104 19.22 -15.90 10.24
N ASP A 105 19.91 -14.81 10.64
CA ASP A 105 21.06 -14.94 11.53
C ASP A 105 20.67 -15.19 13.00
N GLY A 106 19.37 -15.29 13.27
CA GLY A 106 18.90 -15.55 14.62
C GLY A 106 18.45 -14.31 15.37
N SER A 107 18.70 -13.12 14.81
CA SER A 107 18.40 -11.88 15.53
C SER A 107 17.00 -11.37 15.26
N ILE A 108 16.56 -10.38 16.04
CA ILE A 108 15.28 -9.75 15.81
C ILE A 108 15.48 -8.22 15.82
N ARG A 109 14.50 -7.50 15.28
CA ARG A 109 14.43 -6.04 15.40
C ARG A 109 13.03 -5.65 15.80
N GLY A 110 12.91 -4.52 16.50
CA GLY A 110 11.61 -3.96 16.84
C GLY A 110 11.50 -2.52 16.34
N TYR A 111 10.28 -2.14 16.00
CA TYR A 111 9.94 -0.83 15.45
C TYR A 111 8.69 -0.32 16.13
N ASP A 112 8.68 0.98 16.46
CA ASP A 112 7.53 1.60 17.10
C ASP A 112 7.61 3.12 16.89
N GLN A 113 6.79 3.64 15.99
CA GLN A 113 6.80 5.06 15.60
C GLN A 113 5.41 5.62 15.58
N TYR A 114 5.28 6.88 15.98
CA TYR A 114 4.02 7.58 15.99
C TYR A 114 4.07 8.85 15.17
N ALA A 115 2.91 9.26 14.66
CA ALA A 115 2.74 10.54 13.96
C ALA A 115 1.39 11.17 14.28
N PHE A 116 1.40 12.48 14.45
CA PHE A 116 0.22 13.28 14.64
C PHE A 116 0.07 14.23 13.47
N ASP A 117 -1.13 14.26 12.90
CA ASP A 117 -1.42 15.09 11.74
C ASP A 117 -0.39 14.88 10.63
N GLY A 118 0.01 13.62 10.49
CA GLY A 118 0.89 13.17 9.41
C GLY A 118 2.35 13.54 9.55
N ARG A 119 2.71 14.03 10.74
CA ARG A 119 4.09 14.46 11.07
C ARG A 119 4.62 13.60 12.21
N ASP A 120 5.90 13.26 12.15
CA ASP A 120 6.53 12.46 13.19
C ASP A 120 6.24 13.06 14.56
N PHE A 121 5.99 12.18 15.54
CA PHE A 121 5.62 12.58 16.88
C PHE A 121 6.59 11.97 17.91
N LEU A 122 6.73 10.66 17.86
CA LEU A 122 7.47 9.92 18.86
C LEU A 122 7.95 8.58 18.31
N ALA A 123 9.03 8.07 18.86
CA ALA A 123 9.54 6.75 18.51
C ALA A 123 10.07 6.07 19.77
N PHE A 124 10.06 4.75 19.75
CA PHE A 124 10.63 3.94 20.83
C PHE A 124 11.67 3.02 20.23
N ASP A 125 12.82 2.92 20.91
CA ASP A 125 13.91 2.03 20.53
C ASP A 125 13.98 0.89 21.52
N MET A 126 13.60 -0.29 21.04
CA MET A 126 13.51 -1.50 21.81
C MET A 126 14.84 -1.83 22.48
N ASP A 127 15.94 -1.73 21.75
CA ASP A 127 17.23 -2.17 22.23
C ASP A 127 17.74 -1.37 23.46
N THR A 128 17.52 -0.06 23.45
CA THR A 128 17.97 0.81 24.54
C THR A 128 16.82 1.13 25.48
N MET A 129 15.63 0.68 25.11
CA MET A 129 14.40 0.95 25.85
C MET A 129 14.20 2.45 26.10
N THR A 130 14.46 3.27 25.08
CA THR A 130 14.28 4.71 25.22
C THR A 130 13.36 5.26 24.16
N PHE A 131 12.71 6.36 24.51
CA PHE A 131 11.88 7.12 23.59
C PHE A 131 12.61 8.34 23.05
N THR A 132 12.23 8.74 21.83
CA THR A 132 12.74 9.95 21.16
C THR A 132 11.53 10.75 20.64
N ALA A 133 11.50 12.03 20.98
CA ALA A 133 10.43 12.92 20.56
C ALA A 133 10.82 13.69 19.31
N ALA A 134 9.85 13.98 18.45
CA ALA A 134 10.08 14.70 17.20
C ALA A 134 10.08 16.22 17.34
N ASP A 135 9.59 16.72 18.48
CA ASP A 135 9.48 18.15 18.69
C ASP A 135 9.23 18.40 20.19
N PRO A 136 9.35 19.66 20.63
CA PRO A 136 9.25 19.97 22.06
C PRO A 136 7.88 19.69 22.67
N VAL A 137 6.81 19.63 21.87
CA VAL A 137 5.47 19.25 22.42
C VAL A 137 5.46 17.74 22.68
N ALA A 138 5.90 16.96 21.69
CA ALA A 138 6.05 15.53 21.85
C ALA A 138 6.98 15.16 22.99
N GLU A 139 7.94 16.02 23.29
CA GLU A 139 8.88 15.78 24.36
C GLU A 139 8.11 15.62 25.69
N ILE A 140 6.95 16.26 25.82
CA ILE A 140 6.14 16.12 27.06
C ILE A 140 5.74 14.65 27.25
N THR A 141 5.27 14.01 26.19
CA THR A 141 4.89 12.61 26.24
C THR A 141 6.10 11.73 26.48
N LYS A 142 7.19 12.01 25.75
CA LYS A 142 8.40 11.25 25.95
C LYS A 142 8.81 11.23 27.42
N ARG A 143 8.85 12.39 28.05
CA ARG A 143 9.32 12.49 29.43
C ARG A 143 8.36 11.87 30.43
N ARG A 144 7.07 12.05 30.20
CA ARG A 144 6.07 11.43 31.07
C ARG A 144 6.12 9.92 30.99
N TRP A 145 6.21 9.40 29.78
CA TRP A 145 6.25 7.95 29.60
C TRP A 145 7.52 7.37 30.19
N GLU A 146 8.65 8.02 29.95
CA GLU A 146 9.90 7.44 30.41
C GLU A 146 9.97 7.48 31.94
N THR A 147 9.46 8.55 32.55
CA THR A 147 9.50 8.67 34.00
C THR A 147 8.62 7.59 34.67
N GLU A 148 7.57 7.17 33.99
CA GLU A 148 6.75 6.05 34.47
C GLU A 148 7.49 4.70 34.55
N GLY A 149 8.45 4.47 33.66
CA GLY A 149 9.18 3.17 33.64
C GLY A 149 8.40 2.08 32.92
N THR A 150 7.09 2.08 33.10
CA THR A 150 6.23 0.99 32.59
C THR A 150 6.06 0.94 31.07
N TYR A 151 5.95 2.08 30.41
CA TYR A 151 5.74 2.09 28.96
C TYR A 151 6.88 1.38 28.27
N ALA A 152 8.11 1.67 28.67
CA ALA A 152 9.27 1.04 28.04
C ALA A 152 9.34 -0.46 28.29
N GLU A 153 9.04 -0.90 29.50
CA GLU A 153 8.97 -2.35 29.80
C GLU A 153 7.88 -3.00 28.96
N ARG A 154 6.73 -2.35 28.87
CA ARG A 154 5.60 -2.99 28.19
C ARG A 154 5.85 -3.12 26.70
N TRP A 155 6.44 -2.08 26.11
CA TRP A 155 6.75 -2.11 24.69
C TRP A 155 7.91 -3.03 24.36
N LYS A 156 8.88 -3.15 25.26
CA LYS A 156 9.93 -4.15 25.05
C LYS A 156 9.30 -5.52 24.90
N HIS A 157 8.37 -5.83 25.80
CA HIS A 157 7.64 -7.09 25.77
C HIS A 157 6.81 -7.21 24.49
N GLU A 158 6.12 -6.13 24.13
CA GLU A 158 5.22 -6.20 22.97
C GLU A 158 5.95 -6.46 21.68
N LEU A 159 7.11 -5.82 21.54
CA LEU A 159 7.88 -5.96 20.31
C LEU A 159 8.79 -7.17 20.31
N GLY A 160 9.47 -7.42 21.42
CA GLY A 160 10.51 -8.45 21.48
C GLY A 160 10.03 -9.84 21.85
N THR A 161 8.83 -9.93 22.44
CA THR A 161 8.21 -11.19 22.77
C THR A 161 6.91 -11.41 22.00
N VAL A 162 5.92 -10.54 22.19
CA VAL A 162 4.62 -10.78 21.56
C VAL A 162 4.67 -10.71 20.03
N CYS A 163 5.28 -9.66 19.52
CA CYS A 163 5.31 -9.44 18.06
C CYS A 163 6.03 -10.60 17.40
N VAL A 164 7.18 -11.01 17.97
CA VAL A 164 7.96 -12.06 17.33
C VAL A 164 7.25 -13.41 17.40
N GLN A 165 6.52 -13.68 18.48
CA GLN A 165 5.71 -14.89 18.56
CA GLN A 165 5.71 -14.88 18.56
C GLN A 165 4.62 -14.89 17.49
N ASN A 166 3.96 -13.76 17.32
CA ASN A 166 2.91 -13.69 16.32
C ASN A 166 3.45 -13.77 14.90
N LEU A 167 4.59 -13.14 14.66
CA LEU A 167 5.21 -13.22 13.33
C LEU A 167 5.52 -14.67 13.03
N ARG A 168 6.14 -15.38 13.97
CA ARG A 168 6.47 -16.78 13.74
C ARG A 168 5.22 -17.60 13.48
N ARG A 169 4.16 -17.31 14.21
CA ARG A 169 2.87 -17.94 14.00
C ARG A 169 2.33 -17.69 12.58
N TYR A 170 2.33 -16.43 12.13
CA TYR A 170 1.76 -16.14 10.83
C TYR A 170 2.62 -16.71 9.69
N LEU A 171 3.94 -16.77 9.90
CA LEU A 171 4.82 -17.38 8.89
C LEU A 171 4.46 -18.85 8.69
N GLU A 172 4.19 -19.56 9.79
CA GLU A 172 3.87 -20.98 9.69
C GLU A 172 2.48 -21.15 9.09
N HIS A 173 1.52 -20.41 9.64
CA HIS A 173 0.12 -20.50 9.22
C HIS A 173 -0.09 -20.04 7.78
N GLY A 174 0.69 -19.05 7.40
CA GLY A 174 0.55 -18.43 6.09
C GLY A 174 1.55 -18.89 5.06
N LYS A 175 2.26 -19.99 5.35
CA LYS A 175 3.33 -20.52 4.53
C LYS A 175 2.98 -20.62 3.06
N ALA A 176 1.81 -21.19 2.76
CA ALA A 176 1.43 -21.46 1.36
C ALA A 176 1.40 -20.14 0.58
N ALA A 177 0.71 -19.14 1.12
CA ALA A 177 0.56 -17.86 0.42
C ALA A 177 1.87 -17.10 0.33
N LEU A 178 2.66 -17.17 1.39
CA LEU A 178 3.92 -16.42 1.42
C LEU A 178 4.98 -16.97 0.45
N LYS A 179 4.98 -18.27 0.22
CA LYS A 179 6.01 -18.90 -0.61
C LYS A 179 5.59 -19.07 -2.06
N ARG A 180 4.28 -19.05 -2.32
CA ARG A 180 3.76 -19.21 -3.69
C ARG A 180 4.19 -18.00 -4.54
N ARG A 181 4.78 -18.27 -5.70
CA ARG A 181 5.19 -17.21 -6.62
C ARG A 181 4.18 -17.13 -7.74
N VAL A 182 3.76 -15.91 -8.07
CA VAL A 182 2.82 -15.68 -9.14
C VAL A 182 3.49 -14.82 -10.20
N GLN A 183 3.53 -15.35 -11.42
CA GLN A 183 4.24 -14.65 -12.46
C GLN A 183 3.50 -13.45 -12.95
N PRO A 184 4.23 -12.41 -13.35
CA PRO A 184 3.59 -11.29 -14.02
C PRO A 184 3.12 -11.65 -15.41
N GLU A 185 1.95 -11.15 -15.78
CA GLU A 185 1.55 -11.16 -17.17
C GLU A 185 1.95 -9.84 -17.74
N VAL A 186 2.87 -9.85 -18.71
CA VAL A 186 3.45 -8.63 -19.21
C VAL A 186 2.87 -8.31 -20.57
N ARG A 187 2.41 -7.08 -20.72
CA ARG A 187 2.04 -6.58 -22.00
C ARG A 187 2.81 -5.32 -22.37
N VAL A 188 3.25 -5.27 -23.61
CA VAL A 188 3.81 -4.06 -24.23
C VAL A 188 2.79 -3.51 -25.24
N TRP A 189 2.51 -2.22 -25.11
CA TRP A 189 1.63 -1.53 -26.02
C TRP A 189 2.29 -0.28 -26.56
N GLY A 190 1.90 0.12 -27.77
CA GLY A 190 2.40 1.34 -28.39
C GLY A 190 1.27 2.27 -28.76
N LYS A 191 1.47 3.56 -28.54
CA LYS A 191 0.54 4.58 -29.02
C LYS A 191 1.29 5.77 -29.54
N GLU A 192 0.99 6.15 -30.78
CA GLU A 192 1.60 7.30 -31.40
C GLU A 192 0.69 8.53 -31.33
N ALA A 193 1.29 9.67 -30.98
CA ALA A 193 0.59 10.94 -30.90
C ALA A 193 1.59 12.04 -31.21
N ASP A 194 1.26 12.89 -32.19
CA ASP A 194 2.11 14.04 -32.56
C ASP A 194 3.52 13.61 -32.98
N GLY A 195 3.62 12.49 -33.69
CA GLY A 195 4.88 12.01 -34.23
C GLY A 195 5.77 11.25 -33.26
N ILE A 196 5.28 11.02 -32.04
CA ILE A 196 6.02 10.30 -30.99
C ILE A 196 5.30 9.01 -30.63
N LEU A 197 6.00 7.89 -30.67
CA LEU A 197 5.44 6.61 -30.24
C LEU A 197 5.77 6.38 -28.77
N THR A 198 4.77 6.32 -27.91
CA THR A 198 5.00 5.98 -26.51
C THR A 198 4.86 4.47 -26.34
N LEU A 199 5.92 3.83 -25.88
CA LEU A 199 5.89 2.41 -25.58
C LEU A 199 5.63 2.23 -24.10
N SER A 200 4.69 1.37 -23.74
CA SER A 200 4.39 1.11 -22.34
CA SER A 200 4.33 1.11 -22.35
C SER A 200 4.48 -0.38 -22.06
N CYS A 201 5.13 -0.70 -20.96
CA CYS A 201 5.26 -2.07 -20.49
C CYS A 201 4.57 -2.20 -19.17
N HIS A 202 3.53 -3.02 -19.11
CA HIS A 202 2.80 -3.24 -17.86
C HIS A 202 2.92 -4.69 -17.41
N ALA A 203 3.33 -4.87 -16.16
CA ALA A 203 3.42 -6.19 -15.54
C ALA A 203 2.28 -6.36 -14.58
N HIS A 204 1.40 -7.31 -14.88
CA HIS A 204 0.13 -7.49 -14.16
C HIS A 204 0.20 -8.71 -13.26
N GLY A 205 -0.11 -8.54 -11.98
CA GLY A 205 -0.50 -9.66 -11.14
C GLY A 205 0.62 -10.54 -10.62
N PHE A 206 1.74 -9.93 -10.29
CA PHE A 206 2.91 -10.66 -9.79
C PHE A 206 2.96 -10.69 -8.29
N TYR A 207 3.65 -11.70 -7.76
CA TYR A 207 3.89 -11.85 -6.34
C TYR A 207 5.10 -12.77 -6.20
N PRO A 208 6.08 -12.42 -5.34
CA PRO A 208 6.18 -11.29 -4.40
C PRO A 208 6.36 -9.90 -5.03
N ARG A 209 6.45 -8.87 -4.19
CA ARG A 209 6.42 -7.51 -4.63
C ARG A 209 7.64 -7.02 -5.45
N PRO A 210 8.87 -7.40 -5.06
CA PRO A 210 10.03 -6.87 -5.79
C PRO A 210 9.99 -7.18 -7.28
N ILE A 211 10.16 -6.17 -8.11
CA ILE A 211 10.21 -6.36 -9.57
C ILE A 211 11.10 -5.28 -10.17
N THR A 212 11.69 -5.58 -11.33
CA THR A 212 12.41 -4.56 -12.07
CA THR A 212 12.43 -4.55 -12.07
C THR A 212 11.91 -4.53 -13.50
N ILE A 213 11.85 -3.34 -14.08
CA ILE A 213 11.43 -3.13 -15.46
C ILE A 213 12.41 -2.15 -16.11
N SER A 214 12.94 -2.51 -17.26
CA SER A 214 13.93 -1.69 -17.97
C SER A 214 13.57 -1.63 -19.43
N TRP A 215 13.79 -0.48 -20.06
CA TRP A 215 13.67 -0.40 -21.52
C TRP A 215 15.05 -0.35 -22.16
N MET A 216 15.22 -1.11 -23.24
CA MET A 216 16.52 -1.28 -23.90
C MET A 216 16.41 -1.13 -25.42
N LYS A 217 17.46 -0.65 -26.05
CA LYS A 217 17.51 -0.58 -27.52
C LYS A 217 18.93 -0.90 -27.92
N ASP A 218 19.08 -1.82 -28.87
CA ASP A 218 20.38 -2.30 -29.30
C ASP A 218 21.20 -2.78 -28.08
N GLY A 219 20.51 -3.42 -27.13
CA GLY A 219 21.14 -4.01 -25.94
C GLY A 219 21.44 -3.07 -24.78
N MET A 220 21.17 -1.77 -24.96
CA MET A 220 21.62 -0.74 -24.01
C MET A 220 20.42 -0.16 -23.27
N VAL A 221 20.45 -0.13 -21.94
CA VAL A 221 19.32 0.43 -21.21
C VAL A 221 19.22 1.94 -21.47
N ARG A 222 17.98 2.41 -21.58
CA ARG A 222 17.69 3.82 -21.79
C ARG A 222 17.04 4.42 -20.55
N ASP A 223 17.76 4.44 -19.44
CA ASP A 223 17.17 4.89 -18.18
C ASP A 223 16.86 6.40 -18.17
N GLN A 224 17.61 7.18 -18.93
CA GLN A 224 17.41 8.62 -18.98
C GLN A 224 16.03 8.96 -19.55
N GLU A 225 15.49 8.07 -20.36
CA GLU A 225 14.26 8.32 -21.10
C GLU A 225 13.07 7.55 -20.54
N THR A 226 13.29 6.74 -19.51
CA THR A 226 12.24 5.87 -19.01
C THR A 226 11.46 6.55 -17.91
N ARG A 227 10.14 6.38 -17.94
CA ARG A 227 9.23 6.82 -16.87
C ARG A 227 8.65 5.58 -16.19
N TRP A 228 8.86 5.46 -14.88
CA TRP A 228 8.35 4.33 -14.15
C TRP A 228 7.08 4.69 -13.40
N GLY A 229 6.06 3.83 -13.53
CA GLY A 229 4.78 4.08 -12.90
C GLY A 229 4.76 3.79 -11.42
N GLY A 230 5.68 2.94 -10.98
CA GLY A 230 5.70 2.44 -9.62
C GLY A 230 4.99 1.11 -9.45
N ILE A 231 5.24 0.48 -8.32
CA ILE A 231 4.66 -0.80 -7.91
C ILE A 231 3.43 -0.53 -7.04
N VAL A 232 2.29 -1.02 -7.51
CA VAL A 232 1.02 -0.66 -6.88
C VAL A 232 0.20 -1.94 -6.71
N PRO A 233 -0.68 -1.96 -5.71
CA PRO A 233 -1.35 -3.21 -5.36
C PRO A 233 -2.57 -3.54 -6.18
N ASN A 234 -2.80 -4.82 -6.41
CA ASN A 234 -4.12 -5.31 -6.80
C ASN A 234 -4.88 -5.69 -5.55
N SER A 235 -6.18 -5.89 -5.69
CA SER A 235 -7.04 -6.25 -4.56
C SER A 235 -6.84 -7.69 -4.07
N ASP A 236 -6.22 -8.54 -4.89
CA ASP A 236 -6.02 -9.96 -4.53
C ASP A 236 -4.67 -10.31 -3.90
N GLY A 237 -3.89 -9.30 -3.50
CA GLY A 237 -2.58 -9.55 -2.88
C GLY A 237 -1.42 -9.58 -3.86
N THR A 238 -1.72 -9.51 -5.14
CA THR A 238 -0.66 -9.40 -6.14
C THR A 238 -0.41 -7.92 -6.47
N TYR A 239 0.58 -7.67 -7.33
CA TYR A 239 1.00 -6.31 -7.63
C TYR A 239 1.02 -6.02 -9.13
N HIS A 240 1.17 -4.73 -9.41
CA HIS A 240 1.22 -4.19 -10.78
C HIS A 240 2.41 -3.26 -10.83
N ALA A 241 3.07 -3.19 -11.98
CA ALA A 241 4.10 -2.16 -12.18
C ALA A 241 4.20 -1.84 -13.68
N SER A 242 4.88 -0.75 -14.02
CA SER A 242 4.89 -0.27 -15.41
C SER A 242 6.11 0.59 -15.67
N ALA A 243 6.47 0.68 -16.96
CA ALA A 243 7.46 1.64 -17.42
C ALA A 243 7.11 2.05 -18.85
N ALA A 244 7.35 3.32 -19.17
CA ALA A 244 7.09 3.86 -20.50
C ALA A 244 8.30 4.59 -21.03
N ILE A 245 8.37 4.68 -22.34
CA ILE A 245 9.45 5.39 -23.01
C ILE A 245 8.89 5.93 -24.32
N ASP A 246 9.34 7.13 -24.70
CA ASP A 246 8.95 7.77 -25.96
C ASP A 246 10.04 7.57 -27.00
N VAL A 247 9.64 7.10 -28.17
CA VAL A 247 10.55 6.70 -29.22
C VAL A 247 10.07 7.19 -30.58
N LEU A 248 10.95 7.15 -31.57
CA LEU A 248 10.56 7.46 -32.93
C LEU A 248 9.70 6.31 -33.47
N PRO A 249 8.59 6.62 -34.15
CA PRO A 249 7.74 5.57 -34.69
C PRO A 249 8.50 4.53 -35.52
N GLU A 250 9.49 4.98 -36.29
CA GLU A 250 10.27 4.09 -37.15
C GLU A 250 11.20 3.16 -36.38
N ASP A 251 11.42 3.46 -35.09
CA ASP A 251 12.31 2.69 -34.21
C ASP A 251 11.55 1.75 -33.27
N GLY A 252 10.22 1.71 -33.39
CA GLY A 252 9.37 0.95 -32.48
C GLY A 252 9.77 -0.50 -32.30
N ASP A 253 10.19 -1.12 -33.41
CA ASP A 253 10.47 -2.55 -33.44
C ASP A 253 11.79 -2.96 -32.79
N LYS A 254 12.63 -2.00 -32.40
CA LYS A 254 13.95 -2.30 -31.84
C LYS A 254 14.09 -2.06 -30.33
N TYR A 255 13.00 -1.77 -29.65
CA TYR A 255 13.03 -1.59 -28.21
C TYR A 255 12.53 -2.85 -27.54
N TRP A 256 13.20 -3.21 -26.44
CA TRP A 256 12.83 -4.36 -25.63
C TRP A 256 12.62 -3.95 -24.18
N CYS A 257 11.56 -4.50 -23.55
CA CYS A 257 11.25 -4.33 -22.12
C CYS A 257 11.80 -5.57 -21.38
N ARG A 258 12.69 -5.36 -20.42
CA ARG A 258 13.23 -6.43 -19.57
C ARG A 258 12.54 -6.37 -18.23
N VAL A 259 12.06 -7.53 -17.78
CA VAL A 259 11.39 -7.68 -16.49
C VAL A 259 12.06 -8.78 -15.69
N GLU A 260 12.45 -8.45 -14.46
CA GLU A 260 13.09 -9.42 -13.56
C GLU A 260 12.13 -9.60 -12.39
N HIS A 261 11.86 -10.86 -12.06
CA HIS A 261 10.95 -11.19 -10.98
C HIS A 261 11.27 -12.59 -10.47
N ALA A 262 11.05 -12.82 -9.17
CA ALA A 262 11.44 -14.08 -8.50
C ALA A 262 10.77 -15.31 -9.12
N SER A 263 9.60 -15.08 -9.72
CA SER A 263 8.84 -16.17 -10.37
C SER A 263 9.35 -16.60 -11.72
N LEU A 264 10.29 -15.86 -12.29
CA LEU A 264 10.78 -16.12 -13.64
C LEU A 264 12.16 -16.76 -13.47
N PRO A 265 12.48 -17.76 -14.30
CA PRO A 265 13.77 -18.44 -14.12
C PRO A 265 14.94 -17.58 -14.62
N GLN A 266 14.62 -16.62 -15.48
CA GLN A 266 15.57 -15.71 -16.09
CA GLN A 266 15.60 -15.66 -15.97
C GLN A 266 14.82 -14.41 -16.37
N PRO A 267 15.53 -13.30 -16.61
CA PRO A 267 14.78 -12.09 -16.92
C PRO A 267 13.95 -12.25 -18.20
N GLY A 268 12.71 -11.80 -18.16
CA GLY A 268 11.84 -11.82 -19.33
C GLY A 268 12.16 -10.67 -20.26
N LEU A 269 11.98 -10.89 -21.55
CA LEU A 269 12.18 -9.88 -22.57
C LEU A 269 10.93 -9.80 -23.42
N PHE A 270 10.47 -8.57 -23.65
CA PHE A 270 9.20 -8.28 -24.31
C PHE A 270 9.40 -7.15 -25.28
N SER A 271 8.72 -7.23 -26.43
CA SER A 271 8.82 -6.20 -27.44
C SER A 271 7.43 -5.78 -27.91
N TRP A 272 7.40 -4.64 -28.60
CA TRP A 272 6.22 -4.12 -29.25
C TRP A 272 6.03 -4.82 -30.61
N GLU A 273 4.89 -5.50 -30.78
CA GLU A 273 4.61 -6.20 -32.03
C GLU A 273 3.26 -5.76 -32.60
N PRO A 274 3.22 -4.57 -33.21
CA PRO A 274 1.99 -4.20 -33.89
C PRO A 274 1.75 -5.08 -35.11
N GLN A 275 0.49 -5.23 -35.49
CA GLN A 275 0.14 -6.05 -36.63
C GLN A 275 0.76 -5.37 -37.86
N ALA B 1 5.51 15.68 -2.26
CA ALA B 1 5.43 16.27 -0.88
C ALA B 1 4.38 17.40 -0.71
N ASP B 2 3.57 17.70 -1.73
CA ASP B 2 2.51 18.74 -1.58
C ASP B 2 1.24 18.27 -0.86
N LEU B 3 1.18 16.96 -0.63
CA LEU B 3 0.07 16.21 0.04
C LEU B 3 -1.20 16.04 -0.80
N THR B 4 -1.13 16.42 -2.07
CA THR B 4 -2.21 16.09 -3.00
C THR B 4 -2.11 14.62 -3.37
N PRO B 5 -3.25 14.00 -3.73
CA PRO B 5 -3.18 12.61 -4.19
C PRO B 5 -2.41 12.43 -5.50
N LYS B 6 -1.57 11.40 -5.55
CA LYS B 6 -0.94 10.93 -6.76
C LYS B 6 -1.69 9.66 -7.14
N VAL B 7 -2.09 9.57 -8.40
CA VAL B 7 -3.11 8.62 -8.80
C VAL B 7 -2.69 7.88 -10.06
N GLN B 8 -2.99 6.58 -10.08
CA GLN B 8 -2.89 5.85 -11.33
C GLN B 8 -3.98 4.82 -11.46
N VAL B 9 -4.29 4.48 -12.70
CA VAL B 9 -5.43 3.63 -13.02
C VAL B 9 -4.87 2.50 -13.90
N TYR B 10 -5.32 1.29 -13.60
CA TYR B 10 -4.77 0.12 -14.26
C TYR B 10 -5.77 -1.04 -14.11
N SER B 11 -5.76 -1.94 -15.08
CA SER B 11 -6.57 -3.13 -14.97
C SER B 11 -5.79 -4.25 -14.27
N ARG B 12 -6.53 -5.13 -13.62
CA ARG B 12 -5.94 -6.24 -12.92
C ARG B 12 -5.17 -7.17 -13.88
N PHE B 13 -5.86 -7.54 -14.96
CA PHE B 13 -5.31 -8.38 -16.02
C PHE B 13 -5.12 -7.58 -17.26
N PRO B 14 -4.16 -8.00 -18.13
CA PRO B 14 -4.09 -7.36 -19.45
C PRO B 14 -5.47 -7.35 -20.09
N ALA B 15 -5.86 -6.20 -20.63
CA ALA B 15 -7.21 -5.97 -21.06
C ALA B 15 -7.46 -6.42 -22.49
N SER B 16 -8.65 -6.97 -22.72
CA SER B 16 -9.13 -7.31 -24.03
C SER B 16 -10.61 -6.94 -24.11
N ALA B 17 -11.02 -6.33 -25.23
CA ALA B 17 -12.42 -5.94 -25.43
C ALA B 17 -13.37 -7.12 -25.20
N GLY B 18 -14.31 -6.93 -24.28
CA GLY B 18 -15.35 -7.92 -24.04
C GLY B 18 -14.99 -9.00 -23.05
N THR B 19 -13.79 -8.93 -22.47
CA THR B 19 -13.35 -9.93 -21.50
C THR B 19 -13.42 -9.33 -20.10
N LYS B 20 -14.15 -10.01 -19.22
CA LYS B 20 -14.27 -9.58 -17.82
C LYS B 20 -12.91 -9.37 -17.16
N ASN B 21 -12.83 -8.34 -16.32
CA ASN B 21 -11.58 -7.86 -15.75
C ASN B 21 -11.94 -7.08 -14.46
N VAL B 22 -10.95 -6.40 -13.89
CA VAL B 22 -11.15 -5.56 -12.72
C VAL B 22 -10.40 -4.27 -13.00
N LEU B 23 -11.04 -3.15 -12.73
CA LEU B 23 -10.40 -1.85 -12.90
C LEU B 23 -9.99 -1.32 -11.55
N ASN B 24 -8.74 -0.88 -11.47
CA ASN B 24 -8.12 -0.39 -10.24
C ASN B 24 -7.82 1.10 -10.32
N CYS B 25 -8.03 1.78 -9.21
CA CYS B 25 -7.50 3.12 -9.05
C CYS B 25 -6.75 3.19 -7.75
N PHE B 26 -5.49 3.60 -7.80
CA PHE B 26 -4.70 3.70 -6.60
C PHE B 26 -4.27 5.13 -6.40
N ALA B 27 -4.68 5.69 -5.25
CA ALA B 27 -4.29 7.04 -4.86
C ALA B 27 -3.34 6.94 -3.68
N ALA B 28 -2.29 7.74 -3.70
CA ALA B 28 -1.27 7.69 -2.63
C ALA B 28 -0.65 9.06 -2.39
N GLY B 29 0.08 9.19 -1.29
CA GLY B 29 0.86 10.41 -1.07
C GLY B 29 0.08 11.58 -0.51
N PHE B 30 -1.10 11.32 0.05
CA PHE B 30 -2.00 12.41 0.43
C PHE B 30 -2.26 12.53 1.93
N HIS B 31 -2.68 13.72 2.31
CA HIS B 31 -3.06 14.03 3.64
C HIS B 31 -3.97 15.25 3.55
N PRO B 32 -5.09 15.25 4.29
CA PRO B 32 -5.59 14.26 5.24
C PRO B 32 -6.14 13.01 4.58
N PRO B 33 -6.51 12.00 5.39
CA PRO B 33 -6.94 10.75 4.80
C PRO B 33 -8.31 10.78 4.10
N LYS B 34 -9.20 11.72 4.43
CA LYS B 34 -10.51 11.78 3.76
C LYS B 34 -10.31 12.03 2.26
N ILE B 35 -10.90 11.16 1.44
CA ILE B 35 -10.73 11.26 0.01
C ILE B 35 -11.91 10.57 -0.68
N SER B 36 -12.29 11.13 -1.81
CA SER B 36 -13.31 10.54 -2.67
CA SER B 36 -13.31 10.52 -2.66
C SER B 36 -12.59 10.00 -3.88
N ILE B 37 -12.76 8.71 -4.16
CA ILE B 37 -12.14 8.07 -5.30
C ILE B 37 -13.24 7.30 -6.03
N THR B 38 -13.53 7.68 -7.27
CA THR B 38 -14.65 7.11 -7.99
C THR B 38 -14.25 6.66 -9.39
N LEU B 39 -14.53 5.38 -9.69
CA LEU B 39 -14.28 4.83 -11.02
C LEU B 39 -15.46 5.20 -11.90
N MET B 40 -15.14 5.67 -13.11
CA MET B 40 -16.09 6.30 -14.06
C MET B 40 -15.99 5.66 -15.44
N LYS B 41 -17.13 5.31 -16.04
CA LYS B 41 -17.20 4.81 -17.42
C LYS B 41 -18.07 5.77 -18.21
N ASP B 42 -17.50 6.43 -19.21
CA ASP B 42 -18.22 7.42 -20.02
C ASP B 42 -18.95 8.50 -19.16
N GLY B 43 -18.32 8.89 -18.05
CA GLY B 43 -18.85 9.96 -17.20
C GLY B 43 -19.94 9.51 -16.24
N VAL B 44 -20.01 8.21 -16.01
CA VAL B 44 -21.03 7.60 -15.15
C VAL B 44 -20.30 6.71 -14.12
N PRO B 45 -20.58 6.90 -12.82
CA PRO B 45 -19.90 6.07 -11.82
C PRO B 45 -20.13 4.57 -12.01
N MET B 46 -19.05 3.82 -11.88
CA MET B 46 -19.13 2.37 -12.05
C MET B 46 -19.74 1.74 -10.80
N GLU B 47 -20.57 0.72 -11.02
CA GLU B 47 -21.22 0.00 -9.93
C GLU B 47 -20.31 -1.03 -9.30
N GLY B 48 -20.57 -1.33 -8.02
CA GLY B 48 -19.89 -2.42 -7.32
C GLY B 48 -18.47 -2.15 -6.85
N ALA B 49 -18.09 -0.88 -6.73
CA ALA B 49 -16.73 -0.56 -6.35
C ALA B 49 -16.49 -0.87 -4.89
N GLN B 50 -15.26 -1.30 -4.62
CA GLN B 50 -14.81 -1.67 -3.29
C GLN B 50 -13.55 -0.84 -2.98
N TYR B 51 -13.38 -0.53 -1.70
CA TYR B 51 -12.27 0.32 -1.28
CA TYR B 51 -12.35 0.38 -1.21
C TYR B 51 -11.45 -0.36 -0.21
N SER B 52 -10.15 -0.12 -0.25
CA SER B 52 -9.24 -0.75 0.68
C SER B 52 -9.35 -0.05 2.03
N ASP B 53 -9.01 -0.75 3.10
CA ASP B 53 -8.95 -0.13 4.42
C ASP B 53 -7.86 0.93 4.42
N MET B 54 -8.17 2.09 5.02
CA MET B 54 -7.20 3.19 5.09
C MET B 54 -5.84 2.68 5.59
N SER B 55 -4.78 3.01 4.88
CA SER B 55 -3.43 2.71 5.32
C SER B 55 -2.52 3.80 4.78
N PHE B 56 -1.23 3.64 5.02
CA PHE B 56 -0.28 4.67 4.70
C PHE B 56 1.09 4.10 4.44
N ASN B 57 1.91 4.93 3.81
CA ASN B 57 3.30 4.62 3.49
C ASN B 57 4.25 4.96 4.64
N ASP B 58 5.51 4.54 4.50
CA ASP B 58 6.50 4.82 5.54
CA ASP B 58 6.56 4.82 5.49
C ASP B 58 6.72 6.30 5.84
N ASP B 59 6.40 7.18 4.89
CA ASP B 59 6.46 8.63 5.10
C ASP B 59 5.21 9.26 5.73
N TRP B 60 4.31 8.38 6.18
CA TRP B 60 3.05 8.72 6.82
C TRP B 60 1.93 9.12 5.88
N THR B 61 2.22 9.30 4.59
CA THR B 61 1.15 9.71 3.69
C THR B 61 0.19 8.56 3.42
N PHE B 62 -1.06 8.94 3.22
CA PHE B 62 -2.14 7.96 3.09
C PHE B 62 -2.32 7.46 1.68
N GLN B 63 -2.92 6.28 1.58
CA GLN B 63 -3.17 5.66 0.30
C GLN B 63 -4.40 4.76 0.36
N ARG B 64 -5.00 4.56 -0.82
CA ARG B 64 -6.19 3.73 -0.96
C ARG B 64 -6.27 3.16 -2.37
N LEU B 65 -6.67 1.90 -2.43
CA LEU B 65 -7.05 1.24 -3.66
C LEU B 65 -8.59 1.12 -3.76
N VAL B 66 -9.14 1.53 -4.90
CA VAL B 66 -10.52 1.27 -5.27
C VAL B 66 -10.53 0.37 -6.51
N HIS B 67 -11.40 -0.63 -6.51
CA HIS B 67 -11.50 -1.52 -7.65
C HIS B 67 -12.96 -1.92 -7.91
N ALA B 68 -13.25 -2.24 -9.17
CA ALA B 68 -14.59 -2.67 -9.54
C ALA B 68 -14.45 -3.66 -10.67
N ASP B 69 -15.22 -4.74 -10.61
CA ASP B 69 -15.34 -5.65 -11.76
C ASP B 69 -15.89 -4.90 -12.97
N PHE B 70 -15.34 -5.15 -14.16
CA PHE B 70 -15.85 -4.51 -15.40
C PHE B 70 -15.50 -5.34 -16.63
N THR B 71 -16.22 -5.10 -17.73
CA THR B 71 -15.90 -5.69 -19.02
C THR B 71 -15.54 -4.55 -19.96
N PRO B 72 -14.23 -4.34 -20.21
CA PRO B 72 -13.82 -3.20 -21.02
C PRO B 72 -14.36 -3.20 -22.45
N SER B 73 -14.86 -2.05 -22.90
CA SER B 73 -15.36 -1.87 -24.25
C SER B 73 -14.49 -0.86 -25.00
N SER B 74 -14.10 -1.17 -26.24
CA SER B 74 -13.46 -0.17 -27.07
C SER B 74 -14.56 0.86 -27.30
N GLY B 75 -14.20 2.12 -27.36
CA GLY B 75 -15.21 3.17 -27.51
C GLY B 75 -16.01 3.52 -26.26
N SER B 76 -15.60 2.97 -25.11
CA SER B 76 -15.87 3.59 -23.82
C SER B 76 -14.58 4.21 -23.29
N THR B 77 -14.73 5.24 -22.47
CA THR B 77 -13.62 5.87 -21.82
C THR B 77 -13.77 5.58 -20.34
N TYR B 78 -12.70 5.07 -19.74
CA TYR B 78 -12.68 4.77 -18.31
C TYR B 78 -11.74 5.72 -17.57
N ALA B 79 -12.13 6.12 -16.37
CA ALA B 79 -11.33 7.05 -15.59
C ALA B 79 -11.53 6.88 -14.10
N CYS B 80 -10.61 7.48 -13.34
CA CYS B 80 -10.70 7.56 -11.90
C CYS B 80 -10.76 9.04 -11.53
N LYS B 81 -11.79 9.41 -10.79
CA LYS B 81 -12.00 10.80 -10.40
C LYS B 81 -11.75 10.90 -8.90
N VAL B 82 -10.92 11.86 -8.52
CA VAL B 82 -10.51 12.00 -7.15
C VAL B 82 -10.86 13.40 -6.64
N GLU B 83 -11.46 13.44 -5.45
CA GLU B 83 -11.73 14.70 -4.74
C GLU B 83 -11.04 14.66 -3.40
N HIS B 84 -10.38 15.76 -3.06
CA HIS B 84 -9.57 15.81 -1.88
C HIS B 84 -9.43 17.27 -1.49
N GLU B 85 -9.37 17.53 -0.20
CA GLU B 85 -9.37 18.92 0.26
C GLU B 85 -8.13 19.72 -0.12
N THR B 86 -7.08 19.08 -0.62
CA THR B 86 -5.95 19.83 -1.20
C THR B 86 -6.22 20.33 -2.62
N LEU B 87 -7.32 19.87 -3.22
CA LEU B 87 -7.60 20.10 -4.62
C LEU B 87 -8.75 21.08 -4.74
N LYS B 88 -8.54 22.09 -5.54
CA LYS B 88 -9.56 23.08 -5.78
C LYS B 88 -10.78 22.49 -6.48
N GLU B 89 -10.53 21.56 -7.41
CA GLU B 89 -11.57 20.85 -8.17
C GLU B 89 -11.25 19.37 -8.24
N PRO B 90 -12.25 18.54 -8.52
CA PRO B 90 -11.95 17.12 -8.71
C PRO B 90 -10.97 16.92 -9.86
N GLN B 91 -10.03 16.00 -9.66
CA GLN B 91 -9.04 15.65 -10.68
C GLN B 91 -9.39 14.29 -11.26
N VAL B 92 -9.21 14.16 -12.56
CA VAL B 92 -9.51 12.92 -13.24
C VAL B 92 -8.30 12.31 -13.94
N TYR B 93 -8.24 10.98 -13.93
CA TYR B 93 -7.13 10.23 -14.46
C TYR B 93 -7.67 9.17 -15.42
N LYS B 94 -7.21 9.19 -16.67
CA LYS B 94 -7.74 8.30 -17.70
CA LYS B 94 -7.74 8.30 -17.70
C LYS B 94 -7.02 6.96 -17.65
N TRP B 95 -7.78 5.89 -17.87
CA TRP B 95 -7.18 4.55 -18.02
C TRP B 95 -6.74 4.42 -19.45
N ASP B 96 -5.47 4.07 -19.63
CA ASP B 96 -4.94 3.69 -20.92
C ASP B 96 -5.26 2.20 -21.10
N PRO B 97 -6.14 1.86 -22.06
CA PRO B 97 -6.62 0.46 -22.18
C PRO B 97 -5.57 -0.58 -22.61
N GLU B 98 -4.52 -0.13 -23.28
CA GLU B 98 -3.49 -1.05 -23.81
C GLU B 98 -4.03 -2.05 -24.84
N PHE B 99 -5.12 -1.68 -25.51
CA PHE B 99 -5.52 -2.33 -26.75
C PHE B 99 -6.23 -1.27 -27.58
C ACT C . 1.06 12.50 28.10
O ACT C . 0.24 13.23 28.72
OXT ACT C . 1.64 13.05 27.13
CH3 ACT C . 1.35 11.07 28.45
C ACT D . 4.62 17.07 33.81
O ACT D . 3.67 17.83 34.13
OXT ACT D . 4.82 16.83 32.58
CH3 ACT D . 5.51 16.51 34.86
C ACT E . 13.67 -14.76 20.47
O ACT E . 14.27 -14.82 19.36
OXT ACT E . 12.44 -14.98 20.45
CH3 ACT E . 14.41 -14.43 21.74
C1 PGE F . 1.28 0.68 26.91
O1 PGE F . 2.04 1.12 28.04
C2 PGE F . 1.76 -0.67 26.39
O2 PGE F . 0.93 -1.06 25.29
C3 PGE F . 1.36 -2.25 24.62
C4 PGE F . 0.29 -2.81 23.67
O4 PGE F . -3.73 -0.46 24.83
C6 PGE F . -2.71 -1.40 25.25
C5 PGE F . -1.81 -1.73 24.04
O3 PGE F . -1.02 -2.91 24.27
C1 PGE G . -2.17 12.80 24.89
O1 PGE G . -3.10 11.99 24.15
C2 PGE G . -0.77 12.51 24.35
O2 PGE G . -0.62 11.11 24.08
C3 PGE G . 0.25 10.85 22.96
C4 PGE G . 0.93 9.50 23.12
O4 PGE G . -1.93 6.52 22.06
C6 PGE G . -0.57 6.47 21.60
C5 PGE G . 0.11 7.83 21.61
O3 PGE G . -0.01 8.45 22.92
O1 2PE H . 0.96 3.24 23.63
C2 2PE H . -0.15 2.45 23.23
C3 2PE H . -0.90 3.31 22.25
O4 2PE H . -2.08 2.63 21.86
C5 2PE H . -1.98 1.93 20.64
C6 2PE H . -1.51 0.52 20.88
O7 2PE H . -2.40 -0.28 20.14
C8 2PE H . -1.89 -1.53 19.77
C9 2PE H . -3.03 -2.33 19.17
O10 2PE H . -2.48 -3.46 18.49
C11 2PE H . -3.51 -4.36 18.03
C12 2PE H . -2.91 -5.67 17.49
O13 2PE H . -3.91 -6.45 16.78
C14 2PE H . -4.24 -5.93 15.48
C15 2PE H . -5.32 -6.75 14.77
O16 2PE H . -5.62 -6.35 13.43
C17 2PE H . -4.57 -6.44 12.46
C18 2PE H . -4.34 -7.90 12.04
#